data_9B8A
#
_entry.id   9B8A
#
_cell.length_a   1.00
_cell.length_b   1.00
_cell.length_c   1.00
_cell.angle_alpha   90.00
_cell.angle_beta   90.00
_cell.angle_gamma   90.00
#
_symmetry.space_group_name_H-M   'P 1'
#
_entity_poly.entity_id   1
_entity_poly.type   'polypeptide(L)'
_entity_poly.pdbx_seq_one_letter_code
;MHHHHHHHHVEAAPTAQQQLLEQVRLGEATHREDLVQQSLYRLELIDPNNPDVVAARFRSLLRQGDIDGAQKQLDRLSQL
APSSNAYKSSRTTMLLSTPDGRQALQQARLQATTGHAEEAVASYNKLFNGAPPEGDIAVEYWSTVAKIPARRGEAINQLK
RINADAPGNTGLQNNLALLLFSSDRRDEGFAVLEQMAKSNAGREGASKIWYGQIKDMPVSDASVSALKKYLSIFSDGDSV
AAAQSQLAEQQKQLADPAFRARAQGLAAVDSGMAGKAIPELQQAVRANPKDSEALGALGQAYSQKGDRANAVANLEKALA
LDPHSSNNDKWNSLLKVNRYWLAIQQGDAALKANNPDRAERLFQQARNVDNTDSYAVLGLGDVAMARKDYPAAERYYQQT
LRMDSGNTNAVRGLANIYRQQSPEKAEAFIASLSASQRRSIDDIERSLQNDRLAQQAEALENQGKWAQAAALQRQRLALD
PGSVWITYRLSQDLWQAGQRSQADTLMRNLAQQKSNDPEQVYAYGLYLSGHDQDRAALAHINSLPRAQWNSNIQELVNRL
QSDQVLETANRLRESGKEAEAEAMLRQQPPSTRIDLTLADWAQQRRDYTAARAAYQNVLTREPANADAILGLTEVDIAAG
DKAAARSQLAKLPATDNASLNTQRRVALAQAQLGDTAAAQRTFNKLIPQAKSQPPSMESAMVLRDGAKFEAQAGDPTQAL
ETYKDAMVASGVTTTRPQDNDTFTRLTRNDEKDDWLKRGVRSDAADLYRQQDLNVTLEHDYWGSSGTGGYSDLKAHTTML
QVDAPYSDGRMFFRSDFVNMNVGSFSTNADGKWDDNWGTCTLQDCSGNRSQSDSGASVAVGWRNDVWSWDIGTTPMGFNV
VDVVGGISYSDDIGPLGYTVNAHRRPISSSLLAFGGQKDSPSNTGKKWGGVRADGVGLSLSYDKGEANGVWASLSGDQLT
GKNVEDNWRVRWMTGYYYKVINQNNRRVTIGLNNMIWHYDKDLSGYSLGQGGYYSPQEYLSFAIPVMWRERTENWSWELG
ASGSWSHSRTKTMPRYPLMNLIPTDWQEEAARQSNDGGSSQGFGYTARALLERRVTSNWFVGTAIDIQQAKDYAPSHFLL
YVRYSAAGWQGDMDLPPQPLIPYADW
;
_entity_poly.pdbx_strand_id   A
#
# COMPACT_ATOMS: atom_id res chain seq x y z
N SER A 591 -36.28 -24.51 -28.29
CA SER A 591 -35.38 -25.65 -28.15
C SER A 591 -34.51 -25.51 -26.91
N THR A 592 -34.24 -26.64 -26.26
CA THR A 592 -33.50 -26.63 -25.00
C THR A 592 -32.11 -26.02 -25.16
N ARG A 593 -31.44 -26.37 -26.26
CA ARG A 593 -30.05 -25.92 -26.46
C ARG A 593 -29.97 -24.41 -26.53
N ILE A 594 -30.78 -23.79 -27.39
CA ILE A 594 -30.71 -22.34 -27.56
C ILE A 594 -31.24 -21.62 -26.32
N ASP A 595 -32.24 -22.19 -25.64
CA ASP A 595 -32.74 -21.58 -24.42
C ASP A 595 -31.67 -21.57 -23.32
N LEU A 596 -30.90 -22.65 -23.22
CA LEU A 596 -29.80 -22.67 -22.27
C LEU A 596 -28.69 -21.70 -22.69
N THR A 597 -28.39 -21.65 -23.99
CA THR A 597 -27.32 -20.78 -24.48
C THR A 597 -27.64 -19.31 -24.25
N LEU A 598 -28.90 -18.91 -24.45
CA LEU A 598 -29.29 -17.52 -24.26
C LEU A 598 -29.07 -17.10 -22.81
N ALA A 599 -29.45 -17.95 -21.87
CA ALA A 599 -29.23 -17.64 -20.46
C ALA A 599 -27.75 -17.62 -20.12
N ASP A 600 -26.98 -18.55 -20.69
CA ASP A 600 -25.56 -18.63 -20.30
C ASP A 600 -24.75 -17.47 -20.87
N TRP A 601 -25.11 -16.99 -22.07
CA TRP A 601 -24.25 -16.02 -22.74
C TRP A 601 -24.16 -14.71 -21.96
N ALA A 602 -25.19 -14.39 -21.18
CA ALA A 602 -25.21 -13.10 -20.47
C ALA A 602 -24.08 -13.02 -19.45
N GLN A 603 -23.80 -14.11 -18.74
CA GLN A 603 -22.95 -14.04 -17.56
C GLN A 603 -21.46 -14.00 -17.89
N GLN A 604 -21.06 -14.33 -19.12
CA GLN A 604 -19.64 -14.28 -19.49
C GLN A 604 -19.26 -12.89 -19.98
N ASP A 607 -28.19 -9.21 -16.46
CA ASP A 607 -27.81 -10.59 -16.74
C ASP A 607 -28.64 -11.58 -15.92
N TYR A 608 -29.35 -11.05 -14.92
CA TYR A 608 -30.07 -11.90 -13.98
C TYR A 608 -31.45 -12.30 -14.52
N THR A 609 -32.30 -11.30 -14.81
CA THR A 609 -33.71 -11.58 -15.06
C THR A 609 -33.91 -12.41 -16.33
N ALA A 610 -33.25 -12.03 -17.42
CA ALA A 610 -33.43 -12.76 -18.67
C ALA A 610 -32.93 -14.20 -18.56
N ALA A 611 -31.77 -14.39 -17.94
CA ALA A 611 -31.24 -15.74 -17.76
C ALA A 611 -32.15 -16.57 -16.86
N ARG A 612 -32.66 -15.97 -15.78
CA ARG A 612 -33.54 -16.70 -14.86
C ARG A 612 -34.83 -17.10 -15.58
N ALA A 613 -35.38 -16.20 -16.40
CA ALA A 613 -36.57 -16.51 -17.17
C ALA A 613 -36.30 -17.63 -18.18
N ALA A 614 -35.15 -17.58 -18.85
CA ALA A 614 -34.82 -18.64 -19.81
C ALA A 614 -34.66 -19.98 -19.12
N TYR A 615 -33.98 -20.00 -17.97
CA TYR A 615 -33.80 -21.24 -17.22
C TYR A 615 -35.15 -21.80 -16.76
N GLN A 616 -36.04 -20.91 -16.29
CA GLN A 616 -37.36 -21.37 -15.90
C GLN A 616 -38.15 -21.89 -17.10
N ASN A 617 -37.94 -21.29 -18.27
CA ASN A 617 -38.61 -21.79 -19.47
C ASN A 617 -38.12 -23.19 -19.83
N VAL A 618 -36.81 -23.44 -19.69
CA VAL A 618 -36.31 -24.80 -19.89
C VAL A 618 -36.87 -25.75 -18.83
N LEU A 619 -37.06 -25.24 -17.61
CA LEU A 619 -37.66 -26.04 -16.55
C LEU A 619 -39.08 -26.51 -16.88
N THR A 620 -39.79 -25.80 -17.76
CA THR A 620 -41.13 -26.24 -18.13
C THR A 620 -41.07 -27.49 -19.02
N ARG A 621 -40.18 -27.50 -20.01
CA ARG A 621 -40.08 -28.63 -20.92
C ARG A 621 -39.44 -29.83 -20.24
N GLU A 622 -38.37 -29.61 -19.48
CA GLU A 622 -37.67 -30.68 -18.79
C GLU A 622 -37.40 -30.24 -17.37
N PRO A 623 -38.27 -30.60 -16.42
CA PRO A 623 -38.03 -30.24 -15.01
C PRO A 623 -36.77 -30.86 -14.43
N ALA A 624 -36.24 -31.93 -15.02
CA ALA A 624 -35.06 -32.61 -14.50
C ALA A 624 -33.76 -32.09 -15.09
N ASN A 625 -33.80 -31.02 -15.90
CA ASN A 625 -32.59 -30.49 -16.51
C ASN A 625 -31.63 -29.97 -15.45
N ALA A 626 -30.51 -30.67 -15.26
CA ALA A 626 -29.55 -30.28 -14.24
C ALA A 626 -28.88 -28.95 -14.57
N ASP A 627 -28.51 -28.74 -15.84
CA ASP A 627 -27.82 -27.52 -16.22
C ASP A 627 -28.70 -26.29 -16.03
N ALA A 628 -29.99 -26.40 -16.32
CA ALA A 628 -30.89 -25.26 -16.15
C ALA A 628 -30.96 -24.85 -14.68
N ILE A 629 -31.08 -25.82 -13.78
CA ILE A 629 -31.17 -25.51 -12.35
C ILE A 629 -29.84 -24.98 -11.84
N LEU A 630 -28.72 -25.52 -12.35
CA LEU A 630 -27.41 -24.98 -11.98
C LEU A 630 -27.28 -23.52 -12.39
N GLY A 631 -27.71 -23.19 -13.61
CA GLY A 631 -27.67 -21.81 -14.05
C GLY A 631 -28.58 -20.92 -13.25
N LEU A 632 -29.76 -21.43 -12.88
CA LEU A 632 -30.67 -20.67 -12.02
C LEU A 632 -30.02 -20.38 -10.68
N THR A 633 -29.37 -21.39 -10.08
CA THR A 633 -28.69 -21.18 -8.81
C THR A 633 -27.56 -20.16 -8.96
N GLU A 634 -26.80 -20.28 -10.05
CA GLU A 634 -25.65 -19.37 -10.26
C GLU A 634 -26.17 -17.93 -10.36
N VAL A 635 -27.17 -17.71 -11.22
CA VAL A 635 -27.69 -16.35 -11.38
C VAL A 635 -28.30 -15.85 -10.08
N ASP A 636 -28.93 -16.73 -9.29
CA ASP A 636 -29.50 -16.30 -8.02
C ASP A 636 -28.42 -15.86 -7.05
N ILE A 637 -27.31 -16.60 -6.99
CA ILE A 637 -26.26 -16.22 -6.05
C ILE A 637 -25.44 -15.04 -6.59
N ALA A 638 -25.37 -14.90 -7.91
CA ALA A 638 -24.75 -13.70 -8.49
C ALA A 638 -25.50 -12.45 -8.07
N ALA A 639 -26.80 -12.58 -7.81
CA ALA A 639 -27.62 -11.49 -7.26
C ALA A 639 -27.54 -11.40 -5.74
N GLY A 640 -26.78 -12.29 -5.10
CA GLY A 640 -26.63 -12.27 -3.66
C GLY A 640 -27.67 -13.06 -2.89
N ASP A 641 -28.49 -13.85 -3.56
CA ASP A 641 -29.53 -14.65 -2.90
C ASP A 641 -28.97 -16.01 -2.46
N LYS A 642 -28.02 -15.94 -1.52
CA LYS A 642 -27.38 -17.16 -1.01
C LYS A 642 -28.37 -18.07 -0.30
N ALA A 643 -29.25 -17.49 0.51
CA ALA A 643 -30.18 -18.30 1.29
C ALA A 643 -31.12 -19.10 0.40
N ALA A 644 -31.62 -18.49 -0.67
CA ALA A 644 -32.46 -19.22 -1.61
C ALA A 644 -31.65 -20.19 -2.45
N ALA A 645 -30.42 -19.81 -2.81
CA ALA A 645 -29.60 -20.64 -3.68
C ALA A 645 -29.22 -21.95 -3.00
N ARG A 646 -28.89 -21.91 -1.71
CA ARG A 646 -28.52 -23.14 -1.01
C ARG A 646 -29.69 -24.10 -0.91
N SER A 647 -30.91 -23.58 -0.81
CA SER A 647 -32.09 -24.44 -0.79
C SER A 647 -32.38 -24.98 -2.19
N GLN A 648 -32.17 -24.15 -3.23
CA GLN A 648 -32.43 -24.59 -4.59
C GLN A 648 -31.47 -25.70 -5.00
N LEU A 649 -30.20 -25.60 -4.59
CA LEU A 649 -29.19 -26.55 -5.04
C LEU A 649 -29.49 -27.97 -4.57
N ALA A 650 -30.19 -28.12 -3.45
CA ALA A 650 -30.50 -29.44 -2.93
C ALA A 650 -31.46 -30.23 -3.84
N LYS A 651 -32.15 -29.53 -4.75
CA LYS A 651 -33.11 -30.21 -5.62
C LYS A 651 -32.46 -30.94 -6.77
N LEU A 652 -31.15 -30.79 -6.96
CA LEU A 652 -30.47 -31.41 -8.08
C LEU A 652 -30.44 -32.93 -7.92
N PRO A 653 -30.46 -33.68 -9.03
CA PRO A 653 -30.29 -35.13 -8.94
C PRO A 653 -28.90 -35.48 -8.47
N ALA A 654 -28.76 -36.71 -7.96
CA ALA A 654 -27.51 -37.16 -7.37
C ALA A 654 -26.39 -37.17 -8.41
N THR A 655 -25.16 -37.31 -7.91
CA THR A 655 -23.96 -37.28 -8.74
C THR A 655 -23.58 -38.69 -9.20
N ASP A 656 -24.58 -39.57 -9.36
CA ASP A 656 -24.32 -40.95 -9.78
C ASP A 656 -23.47 -40.99 -11.04
N ASN A 657 -23.75 -40.10 -12.00
CA ASN A 657 -22.94 -40.00 -13.21
C ASN A 657 -23.08 -38.60 -13.78
N ALA A 658 -21.98 -37.84 -13.77
CA ALA A 658 -22.00 -36.48 -14.28
C ALA A 658 -20.59 -36.11 -14.76
N SER A 659 -20.55 -35.13 -15.66
CA SER A 659 -19.27 -34.69 -16.22
C SER A 659 -18.48 -33.89 -15.19
N LEU A 660 -17.18 -33.74 -15.47
CA LEU A 660 -16.31 -32.97 -14.59
C LEU A 660 -16.73 -31.50 -14.54
N ASN A 661 -17.16 -30.96 -15.69
CA ASN A 661 -17.53 -29.54 -15.74
C ASN A 661 -18.73 -29.24 -14.85
N THR A 662 -19.71 -30.13 -14.81
CA THR A 662 -20.88 -29.91 -13.96
C THR A 662 -20.52 -30.05 -12.49
N GLN A 663 -19.71 -31.05 -12.14
CA GLN A 663 -19.30 -31.24 -10.75
C GLN A 663 -18.43 -30.10 -10.26
N ARG A 664 -17.61 -29.52 -11.12
CA ARG A 664 -16.82 -28.36 -10.73
C ARG A 664 -17.72 -27.19 -10.37
N ARG A 665 -18.75 -26.93 -11.18
CA ARG A 665 -19.69 -25.86 -10.87
C ARG A 665 -20.43 -26.13 -9.57
N VAL A 666 -20.86 -27.39 -9.36
CA VAL A 666 -21.56 -27.74 -8.13
C VAL A 666 -20.64 -27.52 -6.93
N ALA A 667 -19.38 -27.94 -7.03
CA ALA A 667 -18.45 -27.78 -5.92
C ALA A 667 -18.18 -26.31 -5.63
N LEU A 668 -18.01 -25.50 -6.68
CA LEU A 668 -17.79 -24.07 -6.47
C LEU A 668 -18.99 -23.42 -5.80
N ALA A 669 -20.20 -23.76 -6.25
CA ALA A 669 -21.41 -23.21 -5.66
C ALA A 669 -21.52 -23.61 -4.19
N GLN A 670 -21.26 -24.88 -3.88
CA GLN A 670 -21.33 -25.34 -2.50
C GLN A 670 -20.29 -24.64 -1.64
N ALA A 671 -19.09 -24.44 -2.16
CA ALA A 671 -18.05 -23.74 -1.41
C ALA A 671 -18.46 -22.30 -1.12
N GLN A 672 -19.00 -21.60 -2.12
CA GLN A 672 -19.39 -20.22 -1.92
C GLN A 672 -20.72 -20.07 -1.20
N LEU A 673 -21.53 -21.12 -1.14
CA LEU A 673 -22.74 -21.08 -0.34
C LEU A 673 -22.49 -21.25 1.15
N GLY A 674 -21.25 -21.58 1.55
CA GLY A 674 -20.91 -21.77 2.94
C GLY A 674 -20.80 -23.22 3.39
N ASP A 675 -21.09 -24.18 2.52
CA ASP A 675 -20.95 -25.59 2.86
C ASP A 675 -19.59 -26.06 2.34
N THR A 676 -18.59 -25.93 3.22
CA THR A 676 -17.21 -26.23 2.82
C THR A 676 -16.98 -27.74 2.73
N ALA A 677 -17.67 -28.54 3.53
CA ALA A 677 -17.38 -29.96 3.60
C ALA A 677 -17.73 -30.69 2.30
N ALA A 678 -18.91 -30.39 1.74
CA ALA A 678 -19.32 -31.04 0.49
C ALA A 678 -18.40 -30.64 -0.65
N ALA A 679 -18.01 -29.35 -0.71
CA ALA A 679 -17.07 -28.91 -1.74
C ALA A 679 -15.72 -29.59 -1.56
N GLN A 680 -15.27 -29.74 -0.31
CA GLN A 680 -13.96 -30.35 -0.05
C GLN A 680 -13.96 -31.81 -0.50
N ARG A 681 -15.03 -32.55 -0.18
CA ARG A 681 -15.10 -33.95 -0.60
C ARG A 681 -15.27 -34.06 -2.11
N THR A 682 -16.03 -33.15 -2.73
CA THR A 682 -16.18 -33.18 -4.19
C THR A 682 -14.84 -32.94 -4.88
N PHE A 683 -14.06 -31.98 -4.38
CA PHE A 683 -12.76 -31.73 -4.97
C PHE A 683 -11.78 -32.87 -4.69
N ASN A 684 -11.86 -33.48 -3.50
CA ASN A 684 -11.01 -34.63 -3.21
C ASN A 684 -11.32 -35.79 -4.15
N LYS A 685 -12.58 -35.95 -4.54
CA LYS A 685 -12.92 -36.97 -5.53
C LYS A 685 -12.52 -36.55 -6.94
N LEU A 686 -12.63 -35.26 -7.25
CA LEU A 686 -12.41 -34.79 -8.62
C LEU A 686 -10.93 -34.79 -8.99
N ILE A 687 -10.07 -34.35 -8.07
CA ILE A 687 -8.68 -34.04 -8.44
C ILE A 687 -7.93 -35.25 -8.98
N PRO A 688 -7.98 -36.44 -8.35
CA PRO A 688 -7.33 -37.60 -8.98
C PRO A 688 -7.90 -37.95 -10.34
N GLN A 689 -9.21 -37.77 -10.52
CA GLN A 689 -9.81 -38.01 -11.83
C GLN A 689 -9.28 -37.03 -12.87
N ALA A 690 -9.11 -35.76 -12.47
CA ALA A 690 -8.53 -34.78 -13.37
C ALA A 690 -7.08 -35.13 -13.71
N LYS A 691 -6.33 -35.60 -12.72
CA LYS A 691 -4.95 -36.01 -12.97
C LYS A 691 -4.87 -37.17 -13.94
N SER A 692 -5.77 -38.16 -13.81
CA SER A 692 -5.69 -39.34 -14.64
C SER A 692 -5.95 -39.03 -16.11
N GLN A 693 -6.78 -38.04 -16.39
CA GLN A 693 -7.13 -37.72 -17.77
C GLN A 693 -6.00 -36.96 -18.46
N PRO A 694 -5.91 -37.06 -19.79
CA PRO A 694 -4.91 -36.31 -20.54
C PRO A 694 -5.15 -34.80 -20.43
N PRO A 695 -4.15 -33.98 -20.75
CA PRO A 695 -4.32 -32.52 -20.68
C PRO A 695 -5.53 -32.03 -21.46
N SER A 696 -6.49 -31.44 -20.76
CA SER A 696 -7.71 -30.92 -21.37
C SER A 696 -8.15 -29.68 -20.61
N MET A 697 -8.98 -28.86 -21.28
CA MET A 697 -9.44 -27.62 -20.67
C MET A 697 -10.29 -27.89 -19.43
N GLU A 698 -11.18 -28.87 -19.52
CA GLU A 698 -12.02 -29.24 -18.36
C GLU A 698 -11.11 -29.57 -17.17
N SER A 699 -10.23 -30.56 -17.35
CA SER A 699 -9.36 -30.98 -16.25
C SER A 699 -8.48 -29.84 -15.77
N ALA A 700 -8.05 -28.96 -16.68
CA ALA A 700 -7.23 -27.82 -16.28
C ALA A 700 -8.00 -26.90 -15.35
N MET A 701 -9.25 -26.56 -15.71
CA MET A 701 -10.06 -25.74 -14.82
C MET A 701 -10.36 -26.45 -13.50
N VAL A 702 -10.62 -27.76 -13.54
CA VAL A 702 -10.89 -28.50 -12.32
C VAL A 702 -9.70 -28.42 -11.38
N LEU A 703 -8.49 -28.66 -11.90
CA LEU A 703 -7.30 -28.58 -11.08
C LEU A 703 -7.03 -27.16 -10.59
N ARG A 704 -7.29 -26.16 -11.43
CA ARG A 704 -7.05 -24.78 -11.02
C ARG A 704 -7.95 -24.38 -9.86
N ASP A 705 -9.26 -24.61 -9.98
CA ASP A 705 -10.16 -24.26 -8.89
C ASP A 705 -9.97 -25.17 -7.68
N GLY A 706 -9.54 -26.42 -7.89
CA GLY A 706 -9.21 -27.26 -6.75
C GLY A 706 -8.02 -26.73 -5.96
N ALA A 707 -6.99 -26.27 -6.68
CA ALA A 707 -5.85 -25.65 -6.03
C ALA A 707 -6.26 -24.38 -5.28
N LYS A 708 -7.11 -23.56 -5.90
CA LYS A 708 -7.58 -22.36 -5.24
C LYS A 708 -8.36 -22.70 -3.97
N PHE A 709 -9.26 -23.68 -4.04
CA PHE A 709 -10.04 -24.07 -2.87
C PHE A 709 -9.14 -24.62 -1.77
N GLU A 710 -8.16 -25.45 -2.14
CA GLU A 710 -7.23 -26.00 -1.15
C GLU A 710 -6.40 -24.90 -0.51
N ALA A 711 -6.01 -23.88 -1.28
CA ALA A 711 -5.33 -22.72 -0.70
C ALA A 711 -6.24 -22.01 0.29
N GLN A 712 -7.53 -21.86 -0.06
CA GLN A 712 -8.47 -21.26 0.89
C GLN A 712 -8.83 -22.22 2.01
N ALA A 713 -8.77 -23.53 1.76
CA ALA A 713 -9.10 -24.52 2.78
C ALA A 713 -8.07 -24.58 3.91
N GLY A 714 -6.89 -24.02 3.71
CA GLY A 714 -5.86 -24.04 4.72
C GLY A 714 -4.72 -25.00 4.49
N ASP A 715 -4.51 -25.46 3.26
CA ASP A 715 -3.41 -26.36 2.90
C ASP A 715 -2.68 -25.78 1.70
N PRO A 716 -1.88 -24.73 1.91
CA PRO A 716 -1.19 -24.09 0.77
C PRO A 716 -0.23 -25.01 0.04
N THR A 717 0.40 -25.95 0.73
CA THR A 717 1.36 -26.84 0.06
C THR A 717 0.66 -27.75 -0.94
N GLN A 718 -0.46 -28.34 -0.54
CA GLN A 718 -1.24 -29.16 -1.46
C GLN A 718 -1.76 -28.31 -2.62
N ALA A 719 -2.09 -27.05 -2.34
CA ALA A 719 -2.49 -26.15 -3.41
C ALA A 719 -1.36 -25.92 -4.41
N LEU A 720 -0.13 -25.77 -3.91
CA LEU A 720 1.02 -25.62 -4.81
C LEU A 720 1.25 -26.86 -5.64
N GLU A 721 1.10 -28.05 -5.03
CA GLU A 721 1.22 -29.28 -5.81
C GLU A 721 0.13 -29.37 -6.87
N THR A 722 -1.10 -28.97 -6.53
CA THR A 722 -2.18 -28.99 -7.50
C THR A 722 -1.94 -28.00 -8.62
N TYR A 723 -1.35 -26.84 -8.31
CA TYR A 723 -0.96 -25.90 -9.37
C TYR A 723 0.14 -26.47 -10.26
N LYS A 724 1.09 -27.20 -9.66
CA LYS A 724 2.12 -27.88 -10.46
C LYS A 724 1.48 -28.85 -11.43
N ASP A 725 0.49 -29.62 -10.97
CA ASP A 725 -0.22 -30.53 -11.86
C ASP A 725 -1.06 -29.79 -12.89
N ALA A 726 -1.65 -28.65 -12.51
CA ALA A 726 -2.49 -27.89 -13.43
C ALA A 726 -1.68 -27.30 -14.58
N MET A 727 -0.46 -26.85 -14.30
CA MET A 727 0.40 -26.37 -15.38
C MET A 727 0.69 -27.47 -16.39
N VAL A 728 0.83 -28.71 -15.93
CA VAL A 728 0.94 -29.84 -16.84
C VAL A 728 -0.35 -30.01 -17.63
N ALA A 729 -1.48 -29.94 -16.94
CA ALA A 729 -2.78 -30.12 -17.60
C ALA A 729 -3.09 -28.99 -18.57
N SER A 730 -2.70 -27.76 -18.24
CA SER A 730 -3.05 -26.61 -19.06
C SER A 730 -2.16 -26.45 -20.30
N GLY A 731 -1.17 -27.31 -20.47
CA GLY A 731 -0.26 -27.20 -21.60
C GLY A 731 0.89 -26.25 -21.42
N VAL A 732 1.07 -25.69 -20.22
CA VAL A 732 2.20 -24.81 -19.96
C VAL A 732 3.51 -25.60 -20.08
N THR A 733 3.55 -26.80 -19.50
CA THR A 733 4.74 -27.63 -19.55
C THR A 733 4.35 -29.06 -19.87
N THR A 734 5.19 -29.73 -20.64
CA THR A 734 4.95 -31.13 -20.96
C THR A 734 5.30 -32.05 -19.80
N THR A 735 6.31 -31.68 -19.01
CA THR A 735 6.75 -32.47 -17.87
C THR A 735 6.53 -31.69 -16.58
N ARG A 736 6.25 -32.42 -15.51
CA ARG A 736 5.96 -31.78 -14.23
C ARG A 736 7.20 -31.07 -13.70
N PRO A 737 7.07 -29.85 -13.20
CA PRO A 737 8.22 -29.16 -12.58
C PRO A 737 8.65 -29.84 -11.29
N GLN A 738 9.89 -30.36 -11.27
CA GLN A 738 10.34 -31.14 -10.13
C GLN A 738 11.01 -30.30 -9.04
N ASP A 739 11.37 -29.06 -9.33
CA ASP A 739 12.05 -28.22 -8.36
C ASP A 739 11.50 -26.80 -8.44
N ASN A 740 11.91 -25.98 -7.46
CA ASN A 740 11.36 -24.63 -7.34
C ASN A 740 11.76 -23.75 -8.52
N ASP A 741 12.96 -23.95 -9.06
CA ASP A 741 13.43 -23.10 -10.14
C ASP A 741 12.63 -23.31 -11.42
N THR A 742 12.45 -24.57 -11.83
CA THR A 742 11.67 -24.84 -13.04
C THR A 742 10.19 -24.51 -12.83
N PHE A 743 9.70 -24.71 -11.61
CA PHE A 743 8.33 -24.33 -11.29
C PHE A 743 8.13 -22.82 -11.41
N THR A 744 9.10 -22.04 -10.93
CA THR A 744 8.97 -20.60 -10.92
C THR A 744 9.17 -20.00 -12.32
N ARG A 745 10.13 -20.53 -13.09
CA ARG A 745 10.40 -19.95 -14.39
C ARG A 745 9.26 -20.14 -15.37
N LEU A 746 8.41 -21.16 -15.15
CA LEU A 746 7.26 -21.35 -16.01
C LEU A 746 6.17 -20.32 -15.73
N THR A 747 6.21 -19.67 -14.57
CA THR A 747 5.22 -18.68 -14.21
C THR A 747 5.50 -17.31 -14.82
N ARG A 748 6.60 -17.15 -15.54
CA ARG A 748 6.86 -15.89 -16.22
C ARG A 748 5.79 -15.62 -17.28
N ASN A 749 5.43 -14.35 -17.43
CA ASN A 749 4.33 -13.98 -18.31
C ASN A 749 4.65 -14.33 -19.77
N ASP A 750 3.58 -14.58 -20.52
CA ASP A 750 3.69 -14.90 -21.95
C ASP A 750 2.67 -14.07 -22.69
N GLU A 751 3.07 -13.52 -23.85
CA GLU A 751 2.15 -12.62 -24.59
C GLU A 751 1.27 -13.43 -25.56
N LYS A 752 1.69 -14.64 -25.92
CA LYS A 752 0.95 -15.40 -26.92
C LYS A 752 -0.05 -16.39 -26.32
N ASP A 753 0.09 -16.70 -25.02
CA ASP A 753 -0.76 -17.74 -24.39
C ASP A 753 -2.22 -17.29 -24.30
N ASP A 754 -3.14 -18.20 -23.97
CA ASP A 754 -4.58 -17.85 -23.88
C ASP A 754 -4.88 -17.32 -22.48
N TRP A 755 -6.16 -17.18 -22.14
CA TRP A 755 -6.56 -16.73 -20.79
C TRP A 755 -6.28 -17.82 -19.76
N LEU A 756 -6.52 -19.09 -20.10
CA LEU A 756 -6.37 -20.16 -19.11
C LEU A 756 -4.92 -20.28 -18.64
N LYS A 757 -3.98 -20.32 -19.57
CA LYS A 757 -2.57 -20.43 -19.21
C LYS A 757 -2.12 -19.21 -18.41
N ARG A 758 -2.54 -18.02 -18.84
CA ARG A 758 -2.18 -16.80 -18.13
C ARG A 758 -2.73 -16.80 -16.70
N GLY A 759 -3.98 -17.23 -16.54
CA GLY A 759 -4.55 -17.32 -15.21
C GLY A 759 -3.83 -18.31 -14.33
N VAL A 760 -3.48 -19.48 -14.88
CA VAL A 760 -2.74 -20.48 -14.12
C VAL A 760 -1.40 -19.92 -13.67
N ARG A 761 -0.67 -19.28 -14.60
CA ARG A 761 0.63 -18.70 -14.24
C ARG A 761 0.47 -17.66 -13.14
N SER A 762 -0.48 -16.74 -13.30
CA SER A 762 -0.63 -15.66 -12.34
C SER A 762 -1.00 -16.19 -10.97
N ASP A 763 -1.96 -17.14 -10.90
CA ASP A 763 -2.37 -17.69 -9.62
C ASP A 763 -1.27 -18.47 -8.95
N ALA A 764 -0.53 -19.30 -9.71
CA ALA A 764 0.57 -20.05 -9.12
C ALA A 764 1.65 -19.13 -8.58
N ALA A 765 2.01 -18.10 -9.36
CA ALA A 765 3.02 -17.16 -8.90
C ALA A 765 2.57 -16.41 -7.65
N ASP A 766 1.30 -15.98 -7.63
CA ASP A 766 0.80 -15.25 -6.47
C ASP A 766 0.81 -16.13 -5.22
N LEU A 767 0.36 -17.37 -5.34
CA LEU A 767 0.37 -18.26 -4.17
C LEU A 767 1.80 -18.55 -3.71
N TYR A 768 2.70 -18.81 -4.66
CA TYR A 768 4.08 -19.12 -4.29
C TYR A 768 4.73 -17.94 -3.58
N ARG A 769 4.49 -16.71 -4.06
CA ARG A 769 5.06 -15.54 -3.41
C ARG A 769 4.40 -15.28 -2.07
N GLN A 770 3.10 -15.59 -1.93
CA GLN A 770 2.43 -15.42 -0.65
C GLN A 770 2.97 -16.39 0.38
N GLN A 771 3.37 -17.58 -0.03
CA GLN A 771 3.91 -18.57 0.91
C GLN A 771 5.40 -18.40 1.18
N ASP A 772 6.04 -17.41 0.57
CA ASP A 772 7.49 -17.24 0.73
C ASP A 772 7.81 -16.48 2.02
N LEU A 773 9.06 -16.64 2.47
CA LEU A 773 9.60 -15.96 3.65
C LEU A 773 10.70 -15.02 3.19
N ASN A 774 10.61 -13.75 3.59
CA ASN A 774 11.53 -12.73 3.11
C ASN A 774 12.19 -11.99 4.26
N VAL A 775 13.47 -11.64 4.10
CA VAL A 775 14.20 -10.81 5.04
C VAL A 775 14.85 -9.68 4.26
N THR A 776 14.54 -8.44 4.63
CA THR A 776 15.03 -7.28 3.90
C THR A 776 15.75 -6.33 4.82
N LEU A 777 16.90 -5.82 4.36
CA LEU A 777 17.67 -4.83 5.09
C LEU A 777 17.94 -3.64 4.17
N GLU A 778 17.60 -2.44 4.63
CA GLU A 778 17.68 -1.26 3.78
C GLU A 778 18.28 -0.10 4.56
N HIS A 779 19.03 0.75 3.85
CA HIS A 779 19.65 1.93 4.42
C HIS A 779 19.18 3.16 3.65
N ASP A 780 18.71 4.16 4.39
CA ASP A 780 18.20 5.41 3.84
C ASP A 780 19.03 6.57 4.38
N TYR A 781 19.53 7.41 3.49
CA TYR A 781 20.09 8.70 3.84
C TYR A 781 19.19 9.77 3.26
N TRP A 782 18.68 10.65 4.14
CA TRP A 782 17.69 11.61 3.67
C TRP A 782 17.89 12.94 4.38
N GLY A 783 17.28 13.97 3.82
CA GLY A 783 17.33 15.28 4.45
C GLY A 783 17.04 16.38 3.45
N SER A 784 17.15 17.61 3.95
CA SER A 784 16.93 18.80 3.15
C SER A 784 17.72 19.96 3.75
N SER A 785 17.89 21.00 2.96
CA SER A 785 18.63 22.17 3.40
C SER A 785 17.82 22.98 4.41
N GLY A 786 18.52 23.83 5.15
CA GLY A 786 17.88 24.66 6.15
C GLY A 786 18.85 25.49 6.96
N THR A 787 18.47 25.85 8.17
CA THR A 787 19.29 26.64 9.07
C THR A 787 19.94 25.72 10.11
N GLY A 788 21.24 25.88 10.30
CA GLY A 788 21.93 25.03 11.26
C GLY A 788 21.37 25.19 12.66
N GLY A 789 21.12 24.06 13.32
CA GLY A 789 20.62 24.03 14.67
C GLY A 789 19.22 23.47 14.83
N TYR A 790 18.31 23.79 13.91
CA TYR A 790 16.95 23.27 14.03
C TYR A 790 16.40 22.74 12.71
N SER A 791 16.96 23.16 11.58
CA SER A 791 16.40 22.78 10.29
C SER A 791 17.41 22.27 9.26
N ASP A 792 18.71 22.30 9.55
CA ASP A 792 19.71 21.76 8.63
C ASP A 792 19.77 20.23 8.77
N LEU A 793 18.72 19.58 8.29
CA LEU A 793 18.47 18.19 8.63
C LEU A 793 19.29 17.23 7.77
N LYS A 794 19.95 16.28 8.42
CA LYS A 794 20.53 15.11 7.79
C LYS A 794 20.22 13.91 8.66
N ALA A 795 19.64 12.87 8.07
CA ALA A 795 19.19 11.72 8.84
C ALA A 795 19.57 10.43 8.15
N HIS A 796 19.88 9.43 8.97
CA HIS A 796 20.15 8.07 8.53
C HIS A 796 19.12 7.13 9.13
N THR A 797 18.75 6.09 8.39
CA THR A 797 17.73 5.16 8.84
C THR A 797 18.06 3.77 8.34
N THR A 798 18.31 2.85 9.27
CA THR A 798 18.52 1.44 8.97
C THR A 798 17.25 0.67 9.31
N MET A 799 16.71 -0.04 8.32
CA MET A 799 15.43 -0.71 8.45
C MET A 799 15.58 -2.21 8.18
N LEU A 800 15.11 -3.02 9.12
CA LEU A 800 15.14 -4.47 9.00
C LEU A 800 13.71 -4.99 9.05
N GLN A 801 13.33 -5.81 8.06
CA GLN A 801 11.97 -6.30 7.95
C GLN A 801 11.97 -7.81 7.71
N VAL A 802 11.07 -8.50 8.40
CA VAL A 802 10.85 -9.94 8.22
C VAL A 802 9.41 -10.13 7.81
N ASP A 803 9.20 -10.80 6.67
CA ASP A 803 7.88 -11.08 6.11
C ASP A 803 7.65 -12.58 6.11
N ALA A 804 6.57 -13.01 6.77
CA ALA A 804 6.23 -14.41 6.89
C ALA A 804 4.77 -14.63 6.50
N PRO A 805 4.41 -15.83 6.04
CA PRO A 805 3.00 -16.10 5.75
C PRO A 805 2.20 -16.39 7.00
N TYR A 806 0.91 -16.08 6.95
CA TYR A 806 0.00 -16.37 8.04
C TYR A 806 -1.41 -16.34 7.49
N SER A 807 -2.13 -17.46 7.58
CA SER A 807 -3.45 -17.60 6.97
C SER A 807 -3.31 -17.26 5.49
N ASP A 808 -4.31 -16.59 4.92
CA ASP A 808 -4.21 -16.15 3.54
C ASP A 808 -3.34 -14.90 3.37
N GLY A 809 -2.91 -14.29 4.47
CA GLY A 809 -2.16 -13.05 4.41
C GLY A 809 -0.70 -13.22 4.81
N ARG A 810 -0.06 -12.08 5.04
CA ARG A 810 1.35 -12.03 5.41
C ARG A 810 1.52 -11.12 6.63
N MET A 811 2.31 -11.58 7.59
CA MET A 811 2.66 -10.79 8.75
C MET A 811 4.09 -10.27 8.61
N PHE A 812 4.33 -9.10 9.21
CA PHE A 812 5.63 -8.45 9.10
C PHE A 812 6.07 -7.93 10.46
N PHE A 813 7.36 -8.10 10.73
CA PHE A 813 8.04 -7.50 11.86
C PHE A 813 9.10 -6.53 11.35
N ARG A 814 9.10 -5.32 11.89
CA ARG A 814 9.95 -4.25 11.39
C ARG A 814 10.68 -3.56 12.53
N SER A 815 11.96 -3.28 12.31
CA SER A 815 12.80 -2.58 13.26
C SER A 815 13.52 -1.45 12.56
N ASP A 816 13.47 -0.26 13.15
CA ASP A 816 14.01 0.94 12.53
C ASP A 816 14.98 1.61 13.49
N PHE A 817 16.15 1.97 12.99
CA PHE A 817 17.10 2.79 13.74
C PHE A 817 17.35 4.08 12.99
N VAL A 818 17.04 5.21 13.62
CA VAL A 818 17.07 6.51 12.95
C VAL A 818 17.94 7.47 13.74
N ASN A 819 18.82 8.18 13.03
CA ASN A 819 19.69 9.19 13.61
C ASN A 819 19.45 10.50 12.86
N MET A 820 19.17 11.57 13.62
CA MET A 820 18.86 12.89 13.08
C MET A 820 19.91 13.86 13.60
N ASN A 821 20.47 14.65 12.69
CA ASN A 821 21.43 15.69 13.05
C ASN A 821 21.05 16.97 12.31
N VAL A 822 21.02 18.08 13.04
CA VAL A 822 20.63 19.37 12.48
C VAL A 822 21.70 20.44 12.66
N GLY A 823 22.95 20.03 12.88
CA GLY A 823 24.03 20.99 12.96
C GLY A 823 24.07 21.70 14.32
N SER A 824 24.71 22.87 14.32
CA SER A 824 24.89 23.66 15.53
C SER A 824 24.49 25.11 15.26
N PHE A 825 24.12 25.80 16.32
CA PHE A 825 23.71 27.20 16.21
C PHE A 825 24.91 28.09 15.92
N SER A 826 24.67 29.14 15.13
CA SER A 826 25.72 30.10 14.77
C SER A 826 25.73 31.21 15.81
N THR A 827 26.76 31.24 16.64
CA THR A 827 26.86 32.25 17.69
C THR A 827 27.23 33.61 17.09
N ASN A 828 26.48 34.63 17.49
CA ASN A 828 26.79 35.99 17.05
C ASN A 828 27.95 36.58 17.85
N ALA A 829 27.90 36.47 19.18
CA ALA A 829 28.96 36.93 20.06
C ALA A 829 28.70 36.41 21.46
N ASP A 830 29.76 36.40 22.27
CA ASP A 830 29.70 36.02 23.68
C ASP A 830 29.12 34.62 23.90
N GLY A 831 29.24 33.75 22.91
CA GLY A 831 28.69 32.41 23.04
C GLY A 831 27.19 32.36 23.13
N LYS A 832 26.48 33.28 22.47
CA LYS A 832 25.02 33.34 22.53
C LYS A 832 24.46 33.48 21.12
N TRP A 833 23.23 32.97 20.94
CA TRP A 833 22.52 33.09 19.68
C TRP A 833 21.07 33.46 19.98
N ASP A 834 20.43 34.10 19.00
CA ASP A 834 19.06 34.59 19.15
C ASP A 834 18.23 34.22 17.93
N ASP A 835 18.39 32.99 17.44
CA ASP A 835 17.60 32.54 16.30
C ASP A 835 16.13 32.38 16.69
N ASN A 836 15.27 32.28 15.68
CA ASN A 836 13.85 32.10 15.91
C ASN A 836 13.56 30.66 16.29
N TRP A 837 14.08 30.22 17.44
CA TRP A 837 13.93 28.86 17.91
C TRP A 837 13.79 28.88 19.42
N GLY A 838 12.81 28.14 19.93
CA GLY A 838 12.55 28.14 21.37
C GLY A 838 12.21 29.53 21.86
N THR A 839 12.78 29.91 22.99
CA THR A 839 12.59 31.23 23.57
C THR A 839 13.79 32.14 23.37
N CYS A 840 14.65 31.84 22.39
CA CYS A 840 15.85 32.65 22.16
C CYS A 840 15.50 34.06 21.68
N THR A 841 14.33 34.28 21.10
CA THR A 841 13.94 35.61 20.67
C THR A 841 13.69 36.55 21.84
N LEU A 842 13.33 36.01 23.00
CA LEU A 842 13.12 36.83 24.19
C LEU A 842 14.40 37.03 24.99
N GLN A 843 15.31 36.06 24.96
CA GLN A 843 16.58 36.15 25.65
C GLN A 843 17.59 35.27 24.93
N ASP A 844 18.79 35.81 24.70
CA ASP A 844 19.81 35.08 23.95
C ASP A 844 20.14 33.76 24.64
N CYS A 845 20.16 32.69 23.86
CA CYS A 845 20.30 31.34 24.39
C CYS A 845 21.77 30.96 24.54
N SER A 846 22.00 29.90 25.33
CA SER A 846 23.34 29.36 25.54
C SER A 846 23.20 27.93 26.01
N GLY A 847 24.31 27.17 25.98
CA GLY A 847 24.29 25.79 26.48
C GLY A 847 24.20 24.77 25.37
N ASN A 848 23.01 24.53 24.83
CA ASN A 848 22.82 23.48 23.79
C ASN A 848 23.24 24.03 22.42
N ARG A 849 24.55 24.13 22.19
CA ARG A 849 25.02 24.71 20.91
C ARG A 849 24.71 23.72 19.78
N SER A 850 24.94 22.43 20.00
CA SER A 850 24.68 21.41 18.95
C SER A 850 23.35 20.69 19.22
N GLN A 851 22.73 20.15 18.18
CA GLN A 851 21.43 19.45 18.33
C GLN A 851 21.43 18.16 17.49
N SER A 852 21.16 17.01 18.13
CA SER A 852 21.08 15.76 17.40
C SER A 852 20.47 14.70 18.32
N ASP A 853 19.87 13.68 17.72
CA ASP A 853 19.25 12.63 18.51
C ASP A 853 19.05 11.39 17.66
N SER A 854 19.05 10.23 18.33
CA SER A 854 18.89 8.95 17.63
C SER A 854 17.98 8.05 18.47
N GLY A 855 17.36 7.09 17.79
CA GLY A 855 16.42 6.22 18.47
C GLY A 855 16.02 5.03 17.62
N ALA A 856 15.46 4.03 18.30
CA ALA A 856 15.04 2.79 17.68
C ALA A 856 13.56 2.56 17.91
N SER A 857 12.86 2.14 16.86
CA SER A 857 11.44 1.86 16.88
C SER A 857 11.16 0.45 16.39
N VAL A 858 10.02 -0.09 16.82
CA VAL A 858 9.57 -1.42 16.43
C VAL A 858 8.15 -1.32 15.90
N ALA A 859 7.79 -2.28 15.06
CA ALA A 859 6.44 -2.36 14.50
C ALA A 859 6.11 -3.81 14.15
N VAL A 860 4.86 -4.19 14.35
CA VAL A 860 4.35 -5.51 14.00
C VAL A 860 3.01 -5.32 13.28
N GLY A 861 2.80 -6.08 12.22
CA GLY A 861 1.54 -5.93 11.50
C GLY A 861 1.22 -7.12 10.65
N TRP A 862 0.05 -7.06 10.01
CA TRP A 862 -0.45 -8.12 9.16
C TRP A 862 -1.27 -7.51 8.04
N ARG A 863 -1.29 -8.19 6.89
CA ARG A 863 -1.95 -7.64 5.71
C ARG A 863 -2.41 -8.77 4.80
N ASN A 864 -3.61 -8.63 4.26
CA ASN A 864 -4.14 -9.56 3.27
C ASN A 864 -4.79 -8.74 2.15
N ASP A 865 -5.52 -9.43 1.28
CA ASP A 865 -6.15 -8.79 0.13
C ASP A 865 -7.25 -7.80 0.54
N VAL A 866 -7.77 -7.92 1.76
CA VAL A 866 -8.90 -7.08 2.16
C VAL A 866 -8.52 -6.23 3.37
N TRP A 867 -8.11 -6.89 4.45
CA TRP A 867 -7.78 -6.21 5.70
C TRP A 867 -6.29 -5.92 5.78
N SER A 868 -5.96 -4.89 6.56
CA SER A 868 -4.58 -4.58 6.88
C SER A 868 -4.54 -3.88 8.23
N TRP A 869 -3.52 -4.17 9.03
CA TRP A 869 -3.36 -3.51 10.30
C TRP A 869 -1.90 -3.54 10.71
N ASP A 870 -1.51 -2.55 11.51
CA ASP A 870 -0.09 -2.44 11.96
C ASP A 870 -0.04 -1.59 13.23
N ILE A 871 0.82 -1.94 14.17
CA ILE A 871 1.00 -1.19 15.41
C ILE A 871 2.47 -1.18 15.76
N GLY A 872 2.93 -0.04 16.30
CA GLY A 872 4.32 0.10 16.63
C GLY A 872 4.56 1.32 17.48
N THR A 873 5.84 1.65 17.64
CA THR A 873 6.23 2.73 18.55
C THR A 873 7.07 3.77 17.82
N THR A 874 6.97 5.00 18.30
CA THR A 874 7.91 6.05 17.90
C THR A 874 9.30 5.66 18.37
N PRO A 875 10.35 5.95 17.56
CA PRO A 875 11.72 5.57 17.95
C PRO A 875 12.09 5.93 19.38
N MET A 876 12.26 4.88 20.19
CA MET A 876 12.66 5.06 21.61
C MET A 876 14.03 5.73 21.63
N GLY A 877 14.22 6.70 22.52
CA GLY A 877 15.46 7.45 22.60
C GLY A 877 15.30 8.91 22.25
N PHE A 878 14.26 9.27 21.50
CA PHE A 878 13.94 10.66 21.25
C PHE A 878 13.39 11.31 22.53
N ASN A 879 13.18 12.62 22.46
CA ASN A 879 12.68 13.36 23.63
C ASN A 879 11.28 12.91 24.02
N VAL A 880 10.41 12.67 23.04
CA VAL A 880 9.05 12.24 23.30
C VAL A 880 8.74 11.02 22.42
N VAL A 881 8.12 10.01 23.03
CA VAL A 881 7.80 8.76 22.35
C VAL A 881 6.31 8.47 22.52
N ASP A 882 5.64 8.13 21.41
CA ASP A 882 4.22 7.82 21.43
C ASP A 882 3.97 6.56 20.60
N VAL A 883 2.88 5.87 20.93
CA VAL A 883 2.51 4.66 20.21
C VAL A 883 1.71 5.03 18.98
N VAL A 884 2.05 4.42 17.84
CA VAL A 884 1.41 4.73 16.56
C VAL A 884 0.93 3.44 15.93
N GLY A 885 0.10 3.57 14.89
CA GLY A 885 -0.43 2.41 14.21
C GLY A 885 -1.46 2.81 13.19
N GLY A 886 -2.14 1.80 12.66
CA GLY A 886 -3.17 2.04 11.66
C GLY A 886 -3.89 0.77 11.28
N ILE A 887 -5.06 0.96 10.67
CA ILE A 887 -5.90 -0.11 10.18
C ILE A 887 -6.54 0.34 8.88
N SER A 888 -6.79 -0.60 7.98
CA SER A 888 -7.29 -0.29 6.65
C SER A 888 -8.13 -1.44 6.12
N TYR A 889 -9.16 -1.07 5.37
CA TYR A 889 -10.08 -2.02 4.73
C TYR A 889 -10.24 -1.61 3.28
N SER A 890 -10.30 -2.59 2.38
CA SER A 890 -10.41 -2.32 0.96
C SER A 890 -11.44 -3.24 0.34
N ASP A 891 -12.22 -2.72 -0.60
CA ASP A 891 -13.24 -3.51 -1.27
C ASP A 891 -13.62 -2.84 -2.57
N ASP A 892 -14.26 -3.62 -3.44
CA ASP A 892 -14.76 -3.08 -4.70
C ASP A 892 -16.22 -2.66 -4.56
N ILE A 893 -16.54 -1.50 -5.14
CA ILE A 893 -17.92 -1.04 -5.23
C ILE A 893 -18.18 -0.63 -6.68
N GLY A 894 -19.11 -1.32 -7.33
CA GLY A 894 -19.36 -1.12 -8.74
C GLY A 894 -18.10 -1.31 -9.55
N PRO A 895 -17.87 -0.41 -10.51
CA PRO A 895 -16.60 -0.43 -11.26
C PRO A 895 -15.41 0.06 -10.46
N LEU A 896 -15.62 0.75 -9.34
CA LEU A 896 -14.53 1.39 -8.60
C LEU A 896 -14.00 0.47 -7.51
N GLY A 897 -12.77 0.73 -7.08
CA GLY A 897 -12.19 0.09 -5.92
C GLY A 897 -11.87 1.13 -4.86
N TYR A 898 -12.38 0.92 -3.65
CA TYR A 898 -12.28 1.91 -2.60
C TYR A 898 -11.60 1.32 -1.38
N THR A 899 -11.03 2.21 -0.58
CA THR A 899 -10.29 1.85 0.62
C THR A 899 -10.53 2.89 1.71
N VAL A 900 -10.80 2.43 2.92
CA VAL A 900 -11.02 3.29 4.08
C VAL A 900 -10.03 2.89 5.16
N ASN A 901 -9.32 3.88 5.69
CA ASN A 901 -8.29 3.61 6.69
C ASN A 901 -8.38 4.62 7.82
N ALA A 902 -7.91 4.21 8.99
CA ALA A 902 -7.81 5.06 10.16
C ALA A 902 -6.45 4.82 10.81
N HIS A 903 -5.73 5.90 11.10
CA HIS A 903 -4.33 5.75 11.50
C HIS A 903 -3.94 6.84 12.49
N ARG A 904 -2.83 6.58 13.18
CA ARG A 904 -2.13 7.56 13.99
C ARG A 904 -0.63 7.40 13.69
N ARG A 905 -0.01 8.48 13.24
CA ARG A 905 1.35 8.45 12.72
C ARG A 905 2.14 9.63 13.25
N PRO A 906 3.47 9.55 13.23
CA PRO A 906 4.28 10.73 13.55
C PRO A 906 4.53 11.57 12.31
N ILE A 907 5.04 12.78 12.53
CA ILE A 907 5.43 13.69 11.47
C ILE A 907 6.95 13.78 11.47
N SER A 908 7.58 13.34 10.38
CA SER A 908 9.03 13.26 10.29
C SER A 908 9.65 14.39 9.48
N SER A 909 8.91 15.47 9.22
CA SER A 909 9.45 16.56 8.40
C SER A 909 10.61 17.28 9.07
N SER A 910 10.73 17.21 10.39
CA SER A 910 11.80 17.90 11.09
C SER A 910 12.05 17.21 12.42
N LEU A 911 13.20 17.51 13.02
CA LEU A 911 13.55 16.92 14.31
C LEU A 911 12.57 17.33 15.40
N LEU A 912 12.16 18.59 15.41
CA LEU A 912 11.20 19.07 16.40
C LEU A 912 9.86 18.36 16.25
N ALA A 913 9.40 18.17 15.02
CA ALA A 913 8.14 17.49 14.78
C ALA A 913 8.25 16.00 15.11
N PHE A 914 9.38 15.38 14.77
CA PHE A 914 9.49 13.90 14.94
C PHE A 914 9.82 13.54 16.37
N GLY A 915 10.96 14.01 16.89
CA GLY A 915 11.38 13.61 18.22
C GLY A 915 11.25 14.69 19.26
N GLY A 916 11.06 15.93 18.83
CA GLY A 916 10.97 17.05 19.75
C GLY A 916 12.35 17.55 20.17
N GLN A 917 12.37 18.78 20.67
CA GLN A 917 13.59 19.41 21.12
C GLN A 917 13.38 19.97 22.52
N LYS A 918 14.48 20.34 23.15
CA LYS A 918 14.48 20.91 24.49
C LYS A 918 14.98 22.35 24.40
N ASP A 919 14.29 23.26 25.08
CA ASP A 919 14.72 24.65 25.11
C ASP A 919 16.07 24.75 25.80
N SER A 920 16.80 25.82 25.49
CA SER A 920 18.14 25.97 26.02
C SER A 920 18.11 26.00 27.54
N PRO A 921 19.07 25.36 28.21
CA PRO A 921 19.03 25.28 29.68
C PRO A 921 19.11 26.64 30.37
N SER A 922 19.61 27.66 29.69
CA SER A 922 19.71 28.98 30.30
C SER A 922 18.37 29.70 30.42
N ASN A 923 17.43 29.46 29.50
CA ASN A 923 16.19 30.22 29.53
C ASN A 923 15.08 29.50 30.28
N THR A 924 14.63 28.36 29.77
CA THR A 924 13.57 27.60 30.45
C THR A 924 13.93 26.13 30.66
N GLY A 925 14.55 25.49 29.67
CA GLY A 925 14.83 24.07 29.76
C GLY A 925 13.66 23.15 29.50
N LYS A 926 12.50 23.70 29.11
CA LYS A 926 11.30 22.89 28.93
C LYS A 926 11.38 22.07 27.64
N LYS A 927 10.66 20.95 27.61
CA LYS A 927 10.67 20.08 26.42
C LYS A 927 9.41 20.35 25.60
N TRP A 928 9.52 20.30 24.27
CA TRP A 928 8.35 20.59 23.40
C TRP A 928 8.53 19.93 22.04
N GLY A 929 7.44 19.69 21.33
CA GLY A 929 7.51 19.08 19.98
C GLY A 929 6.85 17.73 19.94
N GLY A 930 7.28 16.86 19.02
CA GLY A 930 6.68 15.56 18.86
C GLY A 930 5.25 15.59 18.39
N VAL A 931 5.04 16.10 17.17
CA VAL A 931 3.69 16.22 16.64
C VAL A 931 3.21 14.88 16.11
N ARG A 932 2.04 14.46 16.56
CA ARG A 932 1.39 13.23 16.11
C ARG A 932 0.11 13.59 15.35
N ALA A 933 -0.04 12.99 14.17
CA ALA A 933 -1.24 13.18 13.36
C ALA A 933 -2.08 11.91 13.39
N ASP A 934 -3.32 12.04 13.85
CA ASP A 934 -4.24 10.91 13.92
C ASP A 934 -5.53 11.28 13.22
N GLY A 935 -6.01 10.39 12.35
CA GLY A 935 -7.21 10.70 11.59
C GLY A 935 -7.61 9.55 10.69
N VAL A 936 -8.41 9.91 9.66
CA VAL A 936 -9.02 8.95 8.77
C VAL A 936 -8.78 9.35 7.33
N GLY A 937 -8.96 8.37 6.43
CA GLY A 937 -8.81 8.62 5.00
C GLY A 937 -9.63 7.65 4.19
N LEU A 938 -10.10 8.15 3.04
CA LEU A 938 -10.92 7.34 2.10
C LEU A 938 -10.37 7.59 0.70
N SER A 939 -10.15 6.53 -0.07
CA SER A 939 -9.59 6.63 -1.42
C SER A 939 -10.40 5.78 -2.39
N LEU A 940 -10.47 6.22 -3.63
CA LEU A 940 -11.14 5.52 -4.71
C LEU A 940 -10.20 5.42 -5.90
N SER A 941 -10.40 4.38 -6.72
CA SER A 941 -9.57 4.20 -7.91
C SER A 941 -10.37 3.45 -8.97
N TYR A 942 -9.96 3.66 -10.23
CA TYR A 942 -10.57 2.98 -11.36
C TYR A 942 -9.47 2.70 -12.39
N ASP A 943 -9.23 1.41 -12.64
CA ASP A 943 -8.27 1.00 -13.66
C ASP A 943 -8.61 -0.44 -14.04
N LYS A 944 -9.07 -0.63 -15.28
CA LYS A 944 -9.44 -1.94 -15.78
C LYS A 944 -8.37 -2.55 -16.68
N GLY A 945 -7.15 -2.02 -16.66
CA GLY A 945 -6.09 -2.49 -17.53
C GLY A 945 -6.02 -1.81 -18.87
N GLU A 946 -6.98 -0.93 -19.18
CA GLU A 946 -6.96 -0.21 -20.45
C GLU A 946 -5.98 0.97 -20.38
N ALA A 947 -6.06 1.83 -21.39
CA ALA A 947 -5.09 2.91 -21.51
C ALA A 947 -5.27 4.01 -20.46
N ASN A 948 -6.43 4.10 -19.84
CA ASN A 948 -6.75 5.19 -18.93
C ASN A 948 -6.95 4.68 -17.51
N GLY A 949 -6.59 5.51 -16.54
CA GLY A 949 -6.82 5.19 -15.14
C GLY A 949 -6.95 6.44 -14.31
N VAL A 950 -7.77 6.35 -13.26
CA VAL A 950 -8.05 7.48 -12.38
C VAL A 950 -7.94 7.03 -10.93
N TRP A 951 -7.61 7.99 -10.06
CA TRP A 951 -7.60 7.74 -8.62
C TRP A 951 -7.82 9.04 -7.87
N ALA A 952 -8.35 8.93 -6.66
CA ALA A 952 -8.60 10.08 -5.81
C ALA A 952 -8.54 9.64 -4.34
N SER A 953 -8.31 10.62 -3.47
CA SER A 953 -8.17 10.34 -2.04
C SER A 953 -8.50 11.59 -1.24
N LEU A 954 -9.07 11.39 -0.06
CA LEU A 954 -9.37 12.46 0.87
C LEU A 954 -8.99 12.00 2.27
N SER A 955 -8.51 12.92 3.09
CA SER A 955 -8.06 12.58 4.43
C SER A 955 -8.36 13.73 5.39
N GLY A 956 -8.59 13.37 6.65
CA GLY A 956 -8.79 14.35 7.71
C GLY A 956 -8.07 13.93 8.97
N ASP A 957 -7.18 14.80 9.47
CA ASP A 957 -6.31 14.45 10.58
C ASP A 957 -6.36 15.54 11.65
N GLN A 958 -6.14 15.15 12.89
CA GLN A 958 -5.85 16.07 13.98
C GLN A 958 -4.37 15.96 14.36
N LEU A 959 -3.74 17.10 14.55
CA LEU A 959 -2.30 17.19 14.84
C LEU A 959 -2.14 17.70 16.25
N THR A 960 -1.60 16.85 17.13
CA THR A 960 -1.41 17.23 18.53
C THR A 960 -0.05 16.74 19.00
N GLY A 961 0.58 17.54 19.87
CA GLY A 961 1.90 17.21 20.36
C GLY A 961 2.16 17.68 21.77
N LYS A 962 3.40 17.48 22.24
CA LYS A 962 3.79 17.87 23.59
C LYS A 962 4.13 19.35 23.62
N ASN A 963 3.35 20.14 24.37
CA ASN A 963 3.53 21.59 24.46
C ASN A 963 3.48 22.23 23.08
N VAL A 964 2.60 21.72 22.22
CA VAL A 964 2.41 22.21 20.87
C VAL A 964 0.94 22.55 20.69
N GLU A 965 0.68 23.68 20.04
CA GLU A 965 -0.70 24.11 19.80
C GLU A 965 -1.45 23.08 18.98
N ASP A 966 -2.71 22.82 19.37
CA ASP A 966 -3.53 21.83 18.70
C ASP A 966 -3.90 22.31 17.30
N ASN A 967 -3.97 21.39 16.35
CA ASN A 967 -4.23 21.74 14.97
C ASN A 967 -5.04 20.64 14.31
N TRP A 968 -5.59 20.92 13.14
CA TRP A 968 -6.24 19.89 12.34
C TRP A 968 -6.10 20.25 10.86
N ARG A 969 -6.18 19.24 10.01
CA ARG A 969 -5.96 19.40 8.59
C ARG A 969 -6.91 18.51 7.80
N VAL A 970 -7.23 18.98 6.59
CA VAL A 970 -8.01 18.24 5.61
C VAL A 970 -7.26 18.29 4.29
N ARG A 971 -7.07 17.13 3.66
CA ARG A 971 -6.26 17.03 2.45
C ARG A 971 -7.01 16.30 1.36
N TRP A 972 -6.97 16.84 0.15
CA TRP A 972 -7.56 16.22 -1.02
C TRP A 972 -6.50 16.02 -2.09
N MET A 973 -6.49 14.83 -2.70
CA MET A 973 -5.54 14.51 -3.75
C MET A 973 -6.27 13.74 -4.84
N THR A 974 -5.78 13.88 -6.08
CA THR A 974 -6.39 13.16 -7.20
C THR A 974 -5.37 13.06 -8.33
N GLY A 975 -5.60 12.10 -9.22
CA GLY A 975 -4.70 11.90 -10.34
C GLY A 975 -5.37 11.11 -11.45
N TYR A 976 -4.93 11.39 -12.67
CA TYR A 976 -5.35 10.68 -13.86
C TYR A 976 -4.12 10.37 -14.71
N TYR A 977 -4.12 9.20 -15.35
CA TYR A 977 -2.98 8.80 -16.16
C TYR A 977 -3.44 8.07 -17.41
N TYR A 978 -2.79 8.39 -18.52
CA TYR A 978 -3.01 7.73 -19.81
C TYR A 978 -1.76 6.92 -20.15
N LYS A 979 -1.95 5.64 -20.45
CA LYS A 979 -0.84 4.74 -20.71
C LYS A 979 -0.49 4.81 -22.20
N VAL A 980 0.60 5.51 -22.52
CA VAL A 980 1.07 5.54 -23.91
C VAL A 980 1.52 4.15 -24.35
N ILE A 981 2.24 3.44 -23.49
CA ILE A 981 2.65 2.07 -23.75
C ILE A 981 2.18 1.21 -22.58
N ASN A 982 1.53 0.09 -22.88
CA ASN A 982 0.92 -0.73 -21.84
C ASN A 982 1.21 -2.21 -22.08
N GLN A 983 2.45 -2.54 -22.42
CA GLN A 983 2.81 -3.94 -22.54
C GLN A 983 3.08 -4.52 -21.15
N ASN A 984 2.87 -5.83 -21.04
CA ASN A 984 2.95 -6.50 -19.74
C ASN A 984 4.32 -6.40 -19.10
N ASN A 985 5.36 -6.07 -19.87
CA ASN A 985 6.69 -5.86 -19.32
C ASN A 985 7.21 -4.45 -19.54
N ARG A 986 6.38 -3.52 -20.02
CA ARG A 986 6.84 -2.15 -20.28
C ARG A 986 5.65 -1.21 -20.26
N ARG A 987 5.67 -0.25 -19.34
CA ARG A 987 4.61 0.74 -19.23
C ARG A 987 5.20 2.14 -19.33
N VAL A 988 4.60 2.98 -20.17
CA VAL A 988 4.97 4.37 -20.33
C VAL A 988 3.71 5.21 -20.27
N THR A 989 3.64 6.12 -19.30
CA THR A 989 2.43 6.90 -19.04
C THR A 989 2.79 8.36 -18.85
N ILE A 990 1.79 9.22 -19.14
CA ILE A 990 1.84 10.64 -18.83
C ILE A 990 0.48 11.03 -18.25
N GLY A 991 0.47 11.83 -17.19
CA GLY A 991 -0.85 12.11 -16.57
C GLY A 991 -0.91 13.49 -15.94
N LEU A 992 -2.04 13.82 -15.29
CA LEU A 992 -2.17 15.12 -14.61
C LEU A 992 -2.64 14.87 -13.17
N ASN A 993 -2.05 15.55 -12.19
CA ASN A 993 -2.42 15.34 -10.76
C ASN A 993 -2.91 16.67 -10.16
N ASN A 994 -3.65 16.62 -9.06
CA ASN A 994 -4.12 17.82 -8.39
C ASN A 994 -4.14 17.57 -6.88
N MET A 995 -3.68 18.55 -6.11
CA MET A 995 -3.60 18.44 -4.67
C MET A 995 -4.08 19.73 -4.02
N ILE A 996 -4.88 19.59 -2.96
CA ILE A 996 -5.42 20.73 -2.23
C ILE A 996 -5.29 20.45 -0.74
N TRP A 997 -4.70 21.40 0.00
CA TRP A 997 -4.53 21.29 1.44
C TRP A 997 -5.07 22.53 2.14
N HIS A 998 -5.56 22.32 3.37
CA HIS A 998 -5.94 23.41 4.27
C HIS A 998 -5.60 23.00 5.69
N TYR A 999 -5.04 23.94 6.45
CA TYR A 999 -4.71 23.73 7.86
C TYR A 999 -5.36 24.81 8.70
N ASP A 1000 -5.74 24.44 9.93
CA ASP A 1000 -6.42 25.39 10.80
C ASP A 1000 -5.49 26.51 11.24
N LYS A 1001 -4.28 26.17 11.68
CA LYS A 1001 -3.33 27.14 12.19
C LYS A 1001 -1.97 26.92 11.55
N ASP A 1002 -1.25 28.02 11.33
CA ASP A 1002 0.09 27.97 10.75
C ASP A 1002 1.10 27.86 11.89
N LEU A 1003 1.69 26.67 12.05
CA LEU A 1003 2.66 26.41 13.10
C LEU A 1003 4.02 26.00 12.53
N SER A 1004 4.42 26.62 11.41
CA SER A 1004 5.67 26.26 10.75
C SER A 1004 6.91 26.76 11.50
N GLY A 1005 6.75 27.70 12.44
CA GLY A 1005 7.89 28.21 13.17
C GLY A 1005 8.41 27.22 14.20
N TYR A 1006 9.63 27.49 14.67
CA TYR A 1006 10.30 26.64 15.64
C TYR A 1006 10.35 27.24 17.03
N SER A 1007 9.61 28.32 17.28
CA SER A 1007 9.56 28.91 18.60
C SER A 1007 8.80 27.98 19.55
N LEU A 1008 8.99 28.21 20.85
CA LEU A 1008 8.32 27.41 21.87
C LEU A 1008 6.81 27.54 21.72
N GLY A 1009 6.11 26.41 21.67
CA GLY A 1009 4.69 26.37 21.45
C GLY A 1009 4.28 26.02 20.03
N GLN A 1010 5.21 26.08 19.09
CA GLN A 1010 4.95 25.72 17.70
C GLN A 1010 5.64 24.41 17.36
N GLY A 1011 5.08 23.71 16.37
CA GLY A 1011 5.54 22.36 16.07
C GLY A 1011 6.60 22.27 14.99
N GLY A 1012 6.85 23.36 14.29
CA GLY A 1012 7.89 23.36 13.26
C GLY A 1012 7.60 22.46 12.09
N TYR A 1013 6.34 22.39 11.64
CA TYR A 1013 5.97 21.60 10.48
C TYR A 1013 5.15 22.46 9.54
N TYR A 1014 5.25 22.15 8.24
CA TYR A 1014 4.55 22.94 7.24
C TYR A 1014 3.05 22.83 7.43
N SER A 1015 2.37 23.98 7.41
CA SER A 1015 0.94 24.03 7.65
C SER A 1015 0.33 25.28 7.01
N PRO A 1016 0.09 25.27 5.70
CA PRO A 1016 -0.51 26.43 5.05
C PRO A 1016 -2.01 26.49 5.26
N GLN A 1017 -2.53 27.71 5.25
CA GLN A 1017 -3.97 27.93 5.35
C GLN A 1017 -4.72 27.54 4.08
N GLU A 1018 -4.07 27.66 2.92
CA GLU A 1018 -4.65 27.22 1.66
C GLU A 1018 -3.52 26.92 0.69
N TYR A 1019 -3.48 25.68 0.19
CA TYR A 1019 -2.43 25.23 -0.71
C TYR A 1019 -3.05 24.48 -1.88
N LEU A 1020 -2.61 24.82 -3.09
CA LEU A 1020 -3.05 24.15 -4.31
C LEU A 1020 -1.84 23.78 -5.15
N SER A 1021 -1.90 22.63 -5.80
CA SER A 1021 -0.78 22.16 -6.62
C SER A 1021 -1.31 21.37 -7.81
N PHE A 1022 -0.76 21.65 -8.99
CA PHE A 1022 -1.07 20.91 -10.21
C PHE A 1022 0.22 20.40 -10.83
N ALA A 1023 0.26 19.10 -11.14
CA ALA A 1023 1.49 18.46 -11.58
C ALA A 1023 1.22 17.60 -12.80
N ILE A 1024 2.27 17.40 -13.61
CA ILE A 1024 2.19 16.56 -14.81
C ILE A 1024 3.24 15.47 -14.74
N PRO A 1025 2.93 14.29 -14.18
CA PRO A 1025 3.94 13.24 -14.05
C PRO A 1025 4.12 12.44 -15.34
N VAL A 1026 5.37 12.14 -15.66
CA VAL A 1026 5.74 11.27 -16.77
C VAL A 1026 6.52 10.09 -16.20
N MET A 1027 6.13 8.88 -16.59
CA MET A 1027 6.59 7.68 -15.91
C MET A 1027 6.90 6.59 -16.92
N TRP A 1028 7.98 5.84 -16.67
CA TRP A 1028 8.38 4.72 -17.50
C TRP A 1028 8.89 3.59 -16.62
N ARG A 1029 8.24 2.43 -16.71
CA ARG A 1029 8.62 1.23 -15.98
C ARG A 1029 8.94 0.11 -16.96
N GLU A 1030 9.99 -0.65 -16.64
CA GLU A 1030 10.35 -1.78 -17.48
C GLU A 1030 11.03 -2.83 -16.62
N ARG A 1031 11.01 -4.07 -17.09
CA ARG A 1031 11.74 -5.16 -16.45
C ARG A 1031 12.32 -6.07 -17.53
N THR A 1032 13.38 -6.78 -17.16
CA THR A 1032 14.10 -7.66 -18.08
C THR A 1032 14.34 -8.95 -17.31
N GLU A 1033 15.01 -9.92 -17.93
CA GLU A 1033 15.28 -11.20 -17.28
C GLU A 1033 16.00 -11.03 -15.95
N ASN A 1034 16.87 -10.04 -15.83
CA ASN A 1034 17.58 -9.82 -14.57
C ASN A 1034 17.70 -8.36 -14.18
N TRP A 1035 17.03 -7.43 -14.86
CA TRP A 1035 17.02 -6.02 -14.51
C TRP A 1035 15.59 -5.51 -14.46
N SER A 1036 15.30 -4.67 -13.47
CA SER A 1036 14.01 -3.99 -13.38
C SER A 1036 14.26 -2.54 -13.00
N TRP A 1037 13.50 -1.62 -13.60
CA TRP A 1037 13.72 -0.21 -13.30
C TRP A 1037 12.47 0.61 -13.56
N GLU A 1038 12.43 1.76 -12.90
CA GLU A 1038 11.39 2.77 -13.05
C GLU A 1038 12.02 4.15 -13.05
N LEU A 1039 11.60 4.98 -13.98
CA LEU A 1039 12.03 6.37 -14.07
C LEU A 1039 10.79 7.26 -14.04
N GLY A 1040 10.87 8.37 -13.32
CA GLY A 1040 9.73 9.26 -13.22
C GLY A 1040 10.16 10.70 -13.04
N ALA A 1041 9.40 11.60 -13.64
CA ALA A 1041 9.64 13.03 -13.50
C ALA A 1041 8.30 13.73 -13.43
N SER A 1042 8.30 14.95 -12.89
CA SER A 1042 7.07 15.71 -12.79
C SER A 1042 7.36 17.19 -12.65
N GLY A 1043 6.71 18.00 -13.47
CA GLY A 1043 6.70 19.44 -13.29
C GLY A 1043 5.36 19.90 -12.75
N SER A 1044 5.41 20.88 -11.84
CA SER A 1044 4.21 21.27 -11.13
C SER A 1044 4.23 22.76 -10.85
N TRP A 1045 3.03 23.30 -10.61
CA TRP A 1045 2.83 24.68 -10.20
C TRP A 1045 2.03 24.67 -8.91
N SER A 1046 2.49 25.44 -7.91
CA SER A 1046 1.90 25.40 -6.59
C SER A 1046 1.72 26.81 -6.05
N HIS A 1047 0.60 27.02 -5.37
CA HIS A 1047 0.26 28.26 -4.69
C HIS A 1047 -0.02 27.96 -3.22
N SER A 1048 0.45 28.82 -2.33
CA SER A 1048 0.28 28.61 -0.89
C SER A 1048 0.07 29.94 -0.20
N ARG A 1049 -0.73 29.92 0.86
CA ARG A 1049 -0.96 31.10 1.69
C ARG A 1049 -0.90 30.71 3.15
N THR A 1050 -0.30 31.60 3.96
CA THR A 1050 -0.20 31.41 5.40
C THR A 1050 -0.62 32.69 6.11
N LYS A 1051 -1.38 32.55 7.18
CA LYS A 1051 -1.88 33.68 7.94
C LYS A 1051 -0.88 34.11 9.01
N THR A 1052 -1.07 35.34 9.50
CA THR A 1052 -0.26 35.84 10.60
C THR A 1052 -0.57 35.05 11.87
N MET A 1053 0.48 34.60 12.55
CA MET A 1053 0.34 33.77 13.73
C MET A 1053 1.18 34.32 14.87
N PRO A 1054 0.67 34.31 16.09
CA PRO A 1054 1.50 34.71 17.24
C PRO A 1054 2.68 33.77 17.40
N ARG A 1055 3.81 34.33 17.84
CA ARG A 1055 5.05 33.55 17.92
C ARG A 1055 5.01 32.55 19.06
N TYR A 1056 4.30 32.87 20.15
CA TYR A 1056 4.24 32.01 21.34
C TYR A 1056 2.78 31.77 21.71
N PRO A 1057 2.09 30.89 20.98
CA PRO A 1057 0.68 30.63 21.30
C PRO A 1057 0.45 30.08 22.68
N LEU A 1058 1.36 29.27 23.20
CA LEU A 1058 1.24 28.69 24.55
C LEU A 1058 1.82 29.68 25.55
N MET A 1059 0.97 30.60 26.01
CA MET A 1059 1.42 31.68 26.87
C MET A 1059 1.81 31.20 28.26
N ASN A 1060 1.22 30.11 28.75
CA ASN A 1060 1.50 29.65 30.10
C ASN A 1060 2.90 29.09 30.27
N LEU A 1061 3.56 28.68 29.19
CA LEU A 1061 4.92 28.16 29.30
C LEU A 1061 5.95 29.28 29.50
N ILE A 1062 5.65 30.48 29.01
CA ILE A 1062 6.60 31.59 29.08
C ILE A 1062 6.71 32.06 30.53
N PRO A 1063 7.92 32.36 31.02
CA PRO A 1063 8.05 32.92 32.37
C PRO A 1063 7.28 34.22 32.51
N THR A 1064 6.97 34.57 33.76
CA THR A 1064 6.12 35.72 34.04
C THR A 1064 6.75 37.03 33.59
N ASP A 1065 8.08 37.14 33.63
CA ASP A 1065 8.73 38.40 33.29
C ASP A 1065 8.70 38.66 31.78
N TRP A 1066 8.90 37.61 30.98
CA TRP A 1066 8.93 37.76 29.52
C TRP A 1066 7.54 37.89 28.92
N GLN A 1067 6.48 37.73 29.71
CA GLN A 1067 5.12 37.68 29.17
C GLN A 1067 4.83 38.87 28.26
N GLU A 1068 5.02 40.09 28.76
CA GLU A 1068 4.71 41.29 27.98
C GLU A 1068 5.49 41.32 26.68
N GLU A 1069 6.70 40.75 26.66
CA GLU A 1069 7.44 40.68 25.41
C GLU A 1069 6.85 39.65 24.46
N ALA A 1070 6.51 38.46 24.99
CA ALA A 1070 6.08 37.37 24.13
C ALA A 1070 4.77 37.69 23.40
N ALA A 1071 3.89 38.44 24.05
CA ALA A 1071 2.63 38.82 23.40
C ALA A 1071 2.84 39.84 22.28
N ARG A 1072 4.01 40.48 22.21
CA ARG A 1072 4.26 41.50 21.22
C ARG A 1072 4.96 40.98 19.98
N GLN A 1073 5.26 39.68 19.92
CA GLN A 1073 5.96 39.08 18.79
C GLN A 1073 5.02 38.16 18.04
N SER A 1074 4.99 38.28 16.71
CA SER A 1074 4.15 37.44 15.86
C SER A 1074 4.88 37.13 14.57
N ASN A 1075 4.55 35.99 13.98
CA ASN A 1075 5.18 35.58 12.69
C ASN A 1075 4.33 36.12 11.54
N ASP A 1076 4.94 36.89 10.65
CA ASP A 1076 4.23 37.53 9.55
C ASP A 1076 3.77 36.49 8.53
N GLY A 1077 2.51 36.62 8.09
CA GLY A 1077 1.99 35.74 7.07
C GLY A 1077 2.37 36.18 5.67
N GLY A 1078 1.97 35.38 4.69
CA GLY A 1078 2.26 35.68 3.30
C GLY A 1078 1.80 34.62 2.33
N SER A 1079 1.76 34.98 1.05
CA SER A 1079 1.35 34.07 -0.01
C SER A 1079 2.42 34.02 -1.08
N SER A 1080 2.59 32.84 -1.67
CA SER A 1080 3.60 32.65 -2.71
C SER A 1080 3.18 31.52 -3.63
N GLN A 1081 3.48 31.70 -4.92
CA GLN A 1081 3.20 30.69 -5.92
C GLN A 1081 4.39 30.59 -6.87
N GLY A 1082 4.58 29.41 -7.43
CA GLY A 1082 5.70 29.19 -8.32
C GLY A 1082 5.75 27.76 -8.81
N PHE A 1083 6.70 27.53 -9.72
CA PHE A 1083 6.89 26.21 -10.31
C PHE A 1083 7.83 25.36 -9.46
N GLY A 1084 7.84 24.06 -9.75
CA GLY A 1084 8.71 23.12 -9.08
C GLY A 1084 8.77 21.83 -9.88
N TYR A 1085 9.66 20.94 -9.47
CA TYR A 1085 9.84 19.69 -10.18
C TYR A 1085 10.27 18.61 -9.19
N THR A 1086 9.97 17.36 -9.56
CA THR A 1086 10.39 16.20 -8.79
C THR A 1086 10.86 15.12 -9.76
N ALA A 1087 11.73 14.25 -9.26
CA ALA A 1087 12.27 13.16 -10.06
C ALA A 1087 12.48 11.94 -9.17
N ARG A 1088 12.43 10.77 -9.78
CA ARG A 1088 12.59 9.51 -9.05
C ARG A 1088 13.14 8.44 -9.97
N ALA A 1089 13.94 7.55 -9.39
CA ALA A 1089 14.57 6.45 -10.14
C ALA A 1089 14.72 5.25 -9.22
N LEU A 1090 14.14 4.12 -9.63
CA LEU A 1090 14.24 2.87 -8.90
C LEU A 1090 14.90 1.82 -9.78
N LEU A 1091 15.80 1.05 -9.20
CA LEU A 1091 16.53 0.01 -9.93
C LEU A 1091 16.67 -1.23 -9.07
N GLU A 1092 16.53 -2.40 -9.67
CA GLU A 1092 16.66 -3.66 -8.96
C GLU A 1092 17.30 -4.71 -9.87
N ARG A 1093 18.19 -5.51 -9.27
CA ARG A 1093 18.99 -6.51 -9.98
C ARG A 1093 18.95 -7.81 -9.22
N ARG A 1094 18.68 -8.90 -9.92
CA ARG A 1094 18.73 -10.24 -9.33
C ARG A 1094 20.08 -10.87 -9.61
N VAL A 1095 20.87 -11.10 -8.56
CA VAL A 1095 22.17 -11.72 -8.73
C VAL A 1095 22.13 -13.20 -8.39
N THR A 1096 21.19 -13.63 -7.55
CA THR A 1096 21.06 -15.03 -7.15
C THR A 1096 19.59 -15.28 -6.84
N SER A 1097 19.16 -16.53 -6.98
CA SER A 1097 17.74 -16.88 -6.74
C SER A 1097 17.28 -16.32 -5.39
N ASN A 1098 18.13 -16.39 -4.37
CA ASN A 1098 17.71 -15.95 -3.02
C ASN A 1098 18.25 -14.56 -2.70
N TRP A 1099 18.79 -13.84 -3.70
CA TRP A 1099 19.44 -12.54 -3.37
C TRP A 1099 19.08 -11.44 -4.36
N PHE A 1100 18.44 -10.37 -3.87
CA PHE A 1100 18.11 -9.22 -4.69
C PHE A 1100 18.75 -7.97 -4.08
N VAL A 1101 19.21 -7.07 -4.93
CA VAL A 1101 19.79 -5.80 -4.50
C VAL A 1101 19.11 -4.68 -5.28
N GLY A 1102 19.04 -3.49 -4.67
CA GLY A 1102 18.42 -2.38 -5.36
C GLY A 1102 18.80 -1.05 -4.74
N THR A 1103 18.59 0.00 -5.53
CA THR A 1103 18.87 1.37 -5.12
C THR A 1103 17.68 2.24 -5.50
N ALA A 1104 17.47 3.32 -4.74
CA ALA A 1104 16.38 4.24 -5.00
C ALA A 1104 16.82 5.67 -4.72
N ILE A 1105 16.46 6.58 -5.62
CA ILE A 1105 16.74 8.01 -5.50
C ILE A 1105 15.42 8.76 -5.57
N ASP A 1106 15.21 9.69 -4.64
CA ASP A 1106 14.01 10.52 -4.62
C ASP A 1106 14.42 11.96 -4.38
N ILE A 1107 14.21 12.81 -5.37
CA ILE A 1107 14.56 14.23 -5.32
C ILE A 1107 13.27 15.03 -5.25
N GLN A 1108 13.17 15.92 -4.26
CA GLN A 1108 11.99 16.75 -4.06
C GLN A 1108 12.38 18.22 -4.21
N GLN A 1109 11.81 18.88 -5.23
CA GLN A 1109 12.03 20.29 -5.45
C GLN A 1109 10.74 21.01 -5.83
N ALA A 1110 9.60 20.50 -5.38
CA ALA A 1110 8.29 21.03 -5.73
C ALA A 1110 7.82 22.11 -4.78
N LYS A 1111 8.73 22.77 -4.06
CA LYS A 1111 8.40 23.82 -3.10
C LYS A 1111 7.41 23.31 -2.05
N ASP A 1112 7.60 22.07 -1.62
CA ASP A 1112 6.75 21.46 -0.60
C ASP A 1112 7.52 21.16 0.68
N TYR A 1113 8.81 21.51 0.73
CA TYR A 1113 9.67 21.30 1.90
C TYR A 1113 9.80 19.82 2.26
N ALA A 1114 9.61 18.93 1.30
CA ALA A 1114 9.78 17.51 1.56
C ALA A 1114 11.26 17.13 1.44
N PRO A 1115 11.74 16.25 2.32
CA PRO A 1115 13.15 15.85 2.26
C PRO A 1115 13.43 14.92 1.08
N SER A 1116 14.67 14.96 0.62
CA SER A 1116 15.15 14.07 -0.42
C SER A 1116 15.75 12.82 0.19
N HIS A 1117 15.65 11.71 -0.55
CA HIS A 1117 15.99 10.38 -0.04
C HIS A 1117 16.91 9.64 -1.01
N PHE A 1118 17.81 8.83 -0.45
CA PHE A 1118 18.64 7.93 -1.24
C PHE A 1118 18.86 6.66 -0.43
N LEU A 1119 18.45 5.52 -0.98
CA LEU A 1119 18.48 4.27 -0.23
C LEU A 1119 19.09 3.14 -1.03
N LEU A 1120 19.71 2.22 -0.31
CA LEU A 1120 20.20 0.96 -0.86
C LEU A 1120 19.61 -0.18 -0.05
N TYR A 1121 19.05 -1.19 -0.72
CA TYR A 1121 18.38 -2.27 -0.02
C TYR A 1121 18.80 -3.62 -0.58
N VAL A 1122 18.76 -4.63 0.30
CA VAL A 1122 19.06 -6.02 -0.04
C VAL A 1122 17.93 -6.88 0.51
N ARG A 1123 17.52 -7.87 -0.29
CA ARG A 1123 16.39 -8.73 0.05
C ARG A 1123 16.78 -10.18 -0.14
N TYR A 1124 16.43 -11.02 0.84
CA TYR A 1124 16.72 -12.44 0.82
C TYR A 1124 15.42 -13.22 0.85
N SER A 1125 15.24 -14.10 -0.14
CA SER A 1125 14.03 -14.95 -0.25
C SER A 1125 14.41 -16.40 0.04
N ALA A 1126 13.81 -17.02 1.06
CA ALA A 1126 14.21 -18.36 1.49
C ALA A 1126 14.00 -19.38 0.39
N ALA A 1127 12.84 -19.34 -0.27
CA ALA A 1127 12.53 -20.32 -1.30
C ALA A 1127 13.11 -19.96 -2.66
N GLY A 1128 13.34 -18.68 -2.93
CA GLY A 1128 13.87 -18.26 -4.21
C GLY A 1128 12.79 -17.87 -5.20
N TRP A 1129 13.05 -16.83 -5.99
CA TRP A 1129 12.08 -16.29 -6.94
C TRP A 1129 12.79 -16.11 -8.29
N GLN A 1130 12.64 -17.10 -9.17
CA GLN A 1130 13.24 -17.07 -10.49
C GLN A 1130 12.28 -16.56 -11.57
N GLY A 1131 11.08 -16.13 -11.19
CA GLY A 1131 10.11 -15.64 -12.12
C GLY A 1131 10.26 -14.15 -12.36
N ASP A 1132 9.18 -13.54 -12.86
CA ASP A 1132 9.19 -12.11 -13.14
C ASP A 1132 9.28 -11.31 -11.85
N MET A 1133 10.13 -10.28 -11.87
CA MET A 1133 10.32 -9.44 -10.69
C MET A 1133 9.18 -8.42 -10.59
N ASP A 1134 9.18 -7.69 -9.47
CA ASP A 1134 8.18 -6.65 -9.25
C ASP A 1134 8.35 -5.51 -10.25
N LEU A 1135 7.21 -4.95 -10.66
CA LEU A 1135 7.19 -3.81 -11.58
C LEU A 1135 6.19 -2.79 -11.03
N PRO A 1136 6.67 -1.73 -10.37
CA PRO A 1136 8.07 -1.34 -10.15
C PRO A 1136 8.75 -2.16 -9.05
N PRO A 1137 10.07 -2.04 -8.90
CA PRO A 1137 10.72 -2.56 -7.70
C PRO A 1137 10.14 -1.88 -6.47
N GLN A 1138 10.03 -2.64 -5.38
CA GLN A 1138 9.32 -2.20 -4.18
C GLN A 1138 10.27 -2.19 -3.00
N PRO A 1139 11.00 -1.08 -2.81
CA PRO A 1139 11.85 -0.96 -1.62
C PRO A 1139 11.02 -0.71 -0.37
N LEU A 1140 11.68 -0.82 0.77
CA LEU A 1140 11.00 -0.58 2.04
C LEU A 1140 10.68 0.91 2.20
N ILE A 1141 9.71 1.18 3.06
CA ILE A 1141 9.31 2.55 3.39
C ILE A 1141 9.51 2.74 4.89
N PRO A 1142 10.12 3.85 5.33
CA PRO A 1142 10.28 4.07 6.77
C PRO A 1142 8.95 4.08 7.48
N TYR A 1143 8.92 3.49 8.68
CA TYR A 1143 7.67 3.34 9.41
C TYR A 1143 7.07 4.68 9.79
N ALA A 1144 7.91 5.70 9.95
CA ALA A 1144 7.42 7.05 10.23
C ALA A 1144 6.74 7.67 9.01
N ASP A 1145 6.92 7.10 7.82
CA ASP A 1145 6.34 7.62 6.59
C ASP A 1145 5.06 6.89 6.20
N TRP A 1146 4.56 5.99 7.04
CA TRP A 1146 3.34 5.25 6.74
C TRP A 1146 2.11 6.08 7.09
#